data_9GZH
#
_entry.id   9GZH
#
_cell.length_a   135.920
_cell.length_b   135.920
_cell.length_c   34.690
_cell.angle_alpha   90.000
_cell.angle_beta   90.000
_cell.angle_gamma   120.000
#
_symmetry.space_group_name_H-M   'P 6'
#
loop_
_entity.id
_entity.type
_entity.pdbx_description
1 polymer 'Platelet-derived growth factor receptor alpha'
2 non-polymer 3-(2-imidazo[1,2-b]pyridazin-3-ylethynyl)-4-methyl-~{N}-[4-(propanoylamino)-3-(trifluoromethyl)phenyl]benzamide
3 water water
#
_entity_poly.entity_id   1
_entity_poly.type   'polypeptide(L)'
_entity_poly.pdbx_seq_one_letter_code
;GPGKQKPRYEIRWRVIESISPDGHEYIYVDPMQLPYDSRWEFPRDGLVLGRVLGSGAFGKVVEGTAYGLSRSQPVMKVAV
KMLKPTARSSEKQALMSELKIMTHLGPHLNIVNLLGACTKSGPIYIIIEYCFYGDLVNYLHKNRDSFLSHKKKSMLDSEV
KNLLSDDNSEGLTLLDLLSFTYQVARGMEFLASKNCVHRDLAARNVLLAQGKIVKICDFGLARDIMHDSNYVSKGSTFLP
VKWMAPESIFDNLYTTLSDVWSYGILLWEIFSLGGTPYPGMMVDSTFYNKIKSGYRMAKPDHATSEVYEIMVKCWNSEPE
KRPSFYHLSEIVENLLPGQYKKSYEKIHLDFLKSD
;
_entity_poly.pdbx_strand_id   A
#
loop_
_chem_comp.id
_chem_comp.type
_chem_comp.name
_chem_comp.formula
A1IRC non-polymer 3-(2-imidazo[1,2-b]pyridazin-3-ylethynyl)-4-methyl-~{N}-[4-(propanoylamino)-3-(trifluoromethyl)phenyl]benzamide 'C26 H20 F3 N5 O2'
#
# COMPACT_ATOMS: atom_id res chain seq x y z
N ASP A 37 6.94 21.06 11.50
CA ASP A 37 7.18 22.16 10.56
C ASP A 37 5.90 22.93 10.30
N SER A 38 6.00 24.26 10.30
CA SER A 38 4.85 25.13 10.06
C SER A 38 4.57 25.35 8.59
N ARG A 39 5.48 24.96 7.69
CA ARG A 39 5.24 25.12 6.27
C ARG A 39 4.03 24.31 5.82
N TRP A 40 3.78 23.18 6.47
CA TRP A 40 2.70 22.28 6.07
C TRP A 40 1.33 22.77 6.51
N GLU A 41 1.26 23.63 7.53
CA GLU A 41 -0.02 23.99 8.12
C GLU A 41 -0.93 24.64 7.10
N PHE A 42 -2.22 24.31 7.20
CA PHE A 42 -3.27 24.75 6.29
C PHE A 42 -4.48 25.08 7.15
N PRO A 43 -5.14 26.21 6.90
CA PRO A 43 -6.27 26.59 7.75
C PRO A 43 -7.48 25.71 7.51
N ARG A 44 -8.21 25.44 8.59
CA ARG A 44 -9.36 24.54 8.49
C ARG A 44 -10.46 25.14 7.64
N ASP A 45 -10.65 26.47 7.71
CA ASP A 45 -11.74 27.09 6.95
C ASP A 45 -11.50 27.01 5.45
N GLY A 46 -10.33 26.59 5.00
CA GLY A 46 -10.05 26.35 3.61
C GLY A 46 -10.25 24.92 3.15
N LEU A 47 -10.76 24.04 4.01
CA LEU A 47 -10.88 22.62 3.73
C LEU A 47 -12.34 22.19 3.85
N VAL A 48 -12.91 21.71 2.75
CA VAL A 48 -14.26 21.15 2.71
C VAL A 48 -14.14 19.63 2.81
N LEU A 49 -14.95 19.03 3.69
CA LEU A 49 -14.91 17.59 3.94
C LEU A 49 -16.11 16.92 3.31
N GLY A 50 -15.86 15.83 2.59
CA GLY A 50 -16.92 15.11 1.91
C GLY A 50 -17.10 13.68 2.38
N ARG A 51 -17.46 12.79 1.45
CA ARG A 51 -17.82 11.42 1.80
C ARG A 51 -16.62 10.63 2.30
N VAL A 52 -16.90 9.61 3.10
CA VAL A 52 -15.85 8.77 3.65
C VAL A 52 -15.35 7.81 2.58
N LEU A 53 -14.03 7.78 2.39
CA LEU A 53 -13.42 6.82 1.47
C LEU A 53 -13.09 5.50 2.16
N GLY A 54 -12.76 5.54 3.45
CA GLY A 54 -12.48 4.35 4.23
C GLY A 54 -12.45 4.68 5.70
N SER A 55 -12.81 3.72 6.56
CA SER A 55 -12.89 3.98 7.98
C SER A 55 -12.52 2.73 8.77
N GLY A 56 -11.78 2.93 9.86
CA GLY A 56 -11.53 1.90 10.83
C GLY A 56 -12.30 2.15 12.11
N ALA A 57 -11.86 1.47 13.18
CA ALA A 57 -12.53 1.63 14.47
C ALA A 57 -12.42 3.07 14.98
N PHE A 58 -11.32 3.76 14.66
CA PHE A 58 -11.06 5.07 15.25
C PHE A 58 -10.44 6.08 14.29
N GLY A 59 -10.25 5.74 13.01
CA GLY A 59 -9.76 6.70 12.04
C GLY A 59 -10.57 6.61 10.77
N LYS A 60 -10.43 7.62 9.92
CA LYS A 60 -11.13 7.59 8.65
C LYS A 60 -10.40 8.48 7.66
N VAL A 61 -10.60 8.19 6.38
CA VAL A 61 -10.11 9.01 5.27
C VAL A 61 -11.33 9.51 4.52
N VAL A 62 -11.44 10.84 4.39
CA VAL A 62 -12.58 11.45 3.71
C VAL A 62 -12.09 12.18 2.46
N GLU A 63 -12.91 12.15 1.43
CA GLU A 63 -12.72 12.99 0.26
C GLU A 63 -12.95 14.45 0.64
N GLY A 64 -12.27 15.35 -0.06
CA GLY A 64 -12.38 16.75 0.29
C GLY A 64 -11.92 17.66 -0.83
N THR A 65 -12.10 18.96 -0.58
CA THR A 65 -11.65 20.02 -1.49
C THR A 65 -10.89 21.05 -0.67
N ALA A 66 -9.71 21.45 -1.17
CA ALA A 66 -8.86 22.43 -0.50
C ALA A 66 -8.77 23.69 -1.34
N TYR A 67 -8.99 24.84 -0.69
CA TYR A 67 -8.97 26.14 -1.36
C TYR A 67 -7.71 26.89 -0.93
N GLY A 68 -6.85 27.21 -1.90
CA GLY A 68 -5.63 27.92 -1.61
C GLY A 68 -4.48 27.07 -1.11
N LEU A 69 -4.58 25.75 -1.26
CA LEU A 69 -3.49 24.85 -0.88
C LEU A 69 -2.35 24.85 -1.90
N SER A 70 -2.62 25.27 -3.13
CA SER A 70 -1.60 25.52 -4.14
C SER A 70 -1.94 26.82 -4.84
N ARG A 71 -0.90 27.61 -5.16
CA ARG A 71 -1.11 28.83 -5.93
C ARG A 71 -1.53 28.51 -7.37
N SER A 72 -1.08 27.38 -7.90
CA SER A 72 -1.38 27.04 -9.29
C SER A 72 -2.72 26.32 -9.44
N GLN A 73 -3.14 25.57 -8.42
CA GLN A 73 -4.42 24.86 -8.42
C GLN A 73 -5.23 25.32 -7.22
N PRO A 74 -5.88 26.49 -7.30
CA PRO A 74 -6.57 27.03 -6.12
C PRO A 74 -7.77 26.22 -5.66
N VAL A 75 -8.24 25.25 -6.45
CA VAL A 75 -9.40 24.42 -6.10
C VAL A 75 -9.01 22.99 -6.42
N MET A 76 -8.58 22.24 -5.41
CA MET A 76 -8.00 20.93 -5.67
C MET A 76 -8.60 19.86 -4.76
N LYS A 77 -8.94 18.73 -5.39
CA LYS A 77 -9.53 17.58 -4.71
C LYS A 77 -8.48 16.85 -3.89
N VAL A 78 -8.82 16.51 -2.66
CA VAL A 78 -7.88 15.91 -1.72
C VAL A 78 -8.57 14.76 -0.99
N ALA A 79 -7.74 13.97 -0.33
CA ALA A 79 -8.18 13.02 0.68
C ALA A 79 -7.61 13.45 2.02
N VAL A 80 -8.37 13.23 3.09
CA VAL A 80 -8.03 13.73 4.42
C VAL A 80 -8.18 12.58 5.41
N LYS A 81 -7.09 12.25 6.10
CA LYS A 81 -7.16 11.30 7.19
C LYS A 81 -7.34 12.04 8.50
N MET A 82 -8.28 11.56 9.31
CA MET A 82 -8.61 12.21 10.58
C MET A 82 -9.09 11.15 11.55
N LEU A 83 -9.07 11.49 12.83
CA LEU A 83 -9.56 10.55 13.83
C LEU A 83 -11.06 10.67 13.99
N LYS A 84 -11.67 9.57 14.41
CA LYS A 84 -13.06 9.59 14.82
C LYS A 84 -13.14 10.03 16.29
N PRO A 85 -14.32 10.46 16.74
CA PRO A 85 -14.45 10.80 18.17
C PRO A 85 -14.12 9.64 19.07
N THR A 86 -14.31 8.40 18.58
CA THR A 86 -14.07 7.22 19.39
C THR A 86 -12.61 7.11 19.82
N ALA A 87 -11.69 7.64 19.02
CA ALA A 87 -10.28 7.37 19.21
C ALA A 87 -9.77 7.90 20.54
N ARG A 88 -8.85 7.15 21.15
CA ARG A 88 -8.24 7.52 22.42
C ARG A 88 -6.94 8.28 22.16
N SER A 89 -6.19 8.55 23.24
CA SER A 89 -4.95 9.30 23.08
C SER A 89 -3.88 8.51 22.35
N SER A 90 -3.88 7.18 22.49
CA SER A 90 -2.89 6.37 21.80
C SER A 90 -3.04 6.50 20.29
N GLU A 91 -4.28 6.54 19.81
CA GLU A 91 -4.54 6.68 18.39
C GLU A 91 -4.35 8.10 17.88
N LYS A 92 -4.38 9.09 18.78
CA LYS A 92 -4.05 10.46 18.42
C LYS A 92 -2.56 10.67 18.31
N GLN A 93 -1.79 10.04 19.20
CA GLN A 93 -0.33 10.12 19.10
C GLN A 93 0.17 9.50 17.81
N ALA A 94 -0.46 8.41 17.37
CA ALA A 94 -0.04 7.74 16.15
C ALA A 94 -0.30 8.58 14.91
N LEU A 95 -1.36 9.40 14.93
CA LEU A 95 -1.64 10.25 13.78
C LEU A 95 -0.62 11.37 13.67
N MET A 96 -0.22 11.96 14.80
CA MET A 96 0.79 13.01 14.77
C MET A 96 2.14 12.47 14.33
N SER A 97 2.49 11.26 14.78
CA SER A 97 3.74 10.64 14.35
C SER A 97 3.70 10.28 12.88
N GLU A 98 2.56 9.78 12.40
CA GLU A 98 2.40 9.49 10.97
C GLU A 98 2.66 10.74 10.14
N LEU A 99 2.08 11.87 10.55
CA LEU A 99 2.35 13.13 9.87
C LEU A 99 3.83 13.48 9.93
N LYS A 100 4.45 13.31 11.10
CA LYS A 100 5.87 13.60 11.25
C LYS A 100 6.72 12.74 10.32
N ILE A 101 6.39 11.46 10.20
CA ILE A 101 7.15 10.57 9.33
C ILE A 101 6.95 10.96 7.87
N MET A 102 5.72 11.29 7.49
CA MET A 102 5.44 11.64 6.09
C MET A 102 6.17 12.92 5.69
N THR A 103 6.28 13.89 6.60
CA THR A 103 7.01 15.10 6.28
C THR A 103 8.47 14.80 6.00
N HIS A 104 9.03 13.80 6.70
CA HIS A 104 10.44 13.49 6.61
C HIS A 104 10.77 12.49 5.50
N LEU A 105 9.78 11.83 4.92
CA LEU A 105 10.07 11.00 3.76
C LEU A 105 10.43 11.85 2.55
N GLY A 106 9.80 13.01 2.40
CA GLY A 106 9.93 13.79 1.20
C GLY A 106 9.10 13.18 0.09
N PRO A 107 9.01 13.87 -1.04
CA PRO A 107 8.13 13.41 -2.12
C PRO A 107 8.78 12.36 -3.02
N HIS A 108 7.93 11.46 -3.51
CA HIS A 108 8.29 10.55 -4.57
C HIS A 108 7.05 10.28 -5.41
N LEU A 109 7.25 10.08 -6.72
CA LEU A 109 6.13 9.93 -7.65
C LEU A 109 5.20 8.79 -7.28
N ASN A 110 5.75 7.74 -6.67
CA ASN A 110 4.99 6.51 -6.41
C ASN A 110 4.62 6.35 -4.94
N ILE A 111 4.64 7.44 -4.18
CA ILE A 111 4.13 7.50 -2.82
C ILE A 111 3.03 8.54 -2.78
N VAL A 112 2.04 8.34 -1.91
CA VAL A 112 0.98 9.34 -1.78
C VAL A 112 1.61 10.69 -1.46
N ASN A 113 1.03 11.73 -2.04
CA ASN A 113 1.64 13.06 -2.06
C ASN A 113 1.09 13.88 -0.91
N LEU A 114 1.90 14.04 0.14
CA LEU A 114 1.51 14.87 1.27
C LEU A 114 1.44 16.33 0.84
N LEU A 115 0.29 16.95 1.03
CA LEU A 115 0.06 18.33 0.60
C LEU A 115 0.02 19.33 1.75
N GLY A 116 -0.45 18.93 2.92
CA GLY A 116 -0.57 19.85 4.03
C GLY A 116 -1.21 19.15 5.22
N ALA A 117 -1.45 19.95 6.25
CA ALA A 117 -1.99 19.41 7.48
C ALA A 117 -2.64 20.51 8.31
N CYS A 118 -3.58 20.11 9.15
CA CYS A 118 -4.20 20.96 10.16
C CYS A 118 -3.86 20.40 11.53
N THR A 119 -3.11 21.17 12.32
CA THR A 119 -2.67 20.70 13.62
C THR A 119 -3.07 21.59 14.79
N LYS A 120 -3.18 22.90 14.59
CA LYS A 120 -3.45 23.80 15.70
C LYS A 120 -4.94 24.02 15.89
N SER A 121 -5.33 24.16 17.15
CA SER A 121 -6.70 24.50 17.56
C SER A 121 -7.73 23.54 16.97
N GLY A 122 -7.39 22.25 16.94
CA GLY A 122 -8.33 21.26 16.46
C GLY A 122 -7.72 19.88 16.26
N PRO A 123 -8.54 18.92 15.86
CA PRO A 123 -8.05 17.57 15.63
C PRO A 123 -7.18 17.50 14.38
N ILE A 124 -6.24 16.55 14.38
CA ILE A 124 -5.23 16.50 13.34
C ILE A 124 -5.87 16.07 12.02
N TYR A 125 -5.62 16.84 10.96
CA TYR A 125 -5.97 16.50 9.59
C TYR A 125 -4.69 16.31 8.79
N ILE A 126 -4.60 15.21 8.06
CA ILE A 126 -3.49 14.96 7.13
C ILE A 126 -4.06 15.01 5.72
N ILE A 127 -3.60 15.98 4.93
CA ILE A 127 -4.15 16.26 3.61
C ILE A 127 -3.24 15.66 2.55
N ILE A 128 -3.81 14.84 1.67
CA ILE A 128 -3.07 14.16 0.61
C ILE A 128 -3.83 14.34 -0.69
N GLU A 129 -3.08 14.42 -1.79
CA GLU A 129 -3.69 14.59 -3.10
C GLU A 129 -4.55 13.38 -3.45
N TYR A 130 -5.72 13.65 -4.00
CA TYR A 130 -6.68 12.59 -4.30
C TYR A 130 -6.23 11.78 -5.50
N CYS A 131 -6.26 10.46 -5.35
CA CYS A 131 -5.90 9.52 -6.41
C CYS A 131 -7.18 9.06 -7.09
N PHE A 132 -7.28 9.38 -8.38
CA PHE A 132 -8.57 9.32 -9.09
C PHE A 132 -9.18 7.92 -9.06
N TYR A 133 -8.36 6.88 -9.23
CA TYR A 133 -8.89 5.53 -9.44
C TYR A 133 -9.10 4.76 -8.14
N GLY A 134 -8.72 5.32 -7.00
CA GLY A 134 -8.86 4.60 -5.75
C GLY A 134 -7.85 3.47 -5.61
N ASP A 135 -8.18 2.51 -4.76
CA ASP A 135 -7.26 1.42 -4.41
C ASP A 135 -7.16 0.41 -5.54
N LEU A 136 -6.00 -0.27 -5.59
CA LEU A 136 -5.67 -1.13 -6.73
C LEU A 136 -6.54 -2.38 -6.77
N VAL A 137 -6.92 -2.93 -5.62
CA VAL A 137 -7.75 -4.13 -5.60
C VAL A 137 -9.05 -3.90 -6.35
N ASN A 138 -9.79 -2.85 -5.96
CA ASN A 138 -11.06 -2.57 -6.60
C ASN A 138 -10.87 -2.19 -8.06
N TYR A 139 -9.78 -1.50 -8.38
CA TYR A 139 -9.49 -1.18 -9.78
C TYR A 139 -9.30 -2.44 -10.61
N LEU A 140 -8.51 -3.38 -10.09
CA LEU A 140 -8.30 -4.63 -10.80
C LEU A 140 -9.59 -5.41 -10.97
N HIS A 141 -10.41 -5.47 -9.90
CA HIS A 141 -11.70 -6.14 -10.00
C HIS A 141 -12.58 -5.52 -11.07
N LYS A 142 -12.66 -4.19 -11.10
CA LYS A 142 -13.49 -3.49 -12.07
C LYS A 142 -13.04 -3.72 -13.51
N ASN A 143 -11.76 -4.00 -13.74
CA ASN A 143 -11.22 -4.19 -15.08
C ASN A 143 -10.89 -5.64 -15.39
N ARG A 144 -11.23 -6.58 -14.50
CA ARG A 144 -10.86 -7.98 -14.73
C ARG A 144 -11.57 -8.55 -15.96
N ASP A 145 -12.86 -8.24 -16.13
CA ASP A 145 -13.63 -8.92 -17.17
C ASP A 145 -13.29 -8.43 -18.57
N SER A 146 -12.91 -7.17 -18.72
CA SER A 146 -12.55 -6.61 -20.01
C SER A 146 -11.05 -6.73 -20.29
N PHE A 147 -10.32 -7.54 -19.53
CA PHE A 147 -8.88 -7.64 -19.70
C PHE A 147 -8.53 -8.23 -21.05
N LEU A 148 -7.61 -7.57 -21.75
CA LEU A 148 -7.16 -8.05 -23.06
C LEU A 148 -6.14 -9.17 -22.90
N GLY A 171 -9.15 -0.29 -22.13
CA GLY A 171 -9.10 -1.53 -21.36
C GLY A 171 -7.89 -1.62 -20.46
N LEU A 172 -7.63 -2.81 -19.93
CA LEU A 172 -6.46 -3.12 -19.13
C LEU A 172 -5.64 -4.16 -19.86
N THR A 173 -4.34 -3.93 -19.97
CA THR A 173 -3.46 -4.82 -20.73
C THR A 173 -2.39 -5.39 -19.81
N LEU A 174 -1.73 -6.46 -20.28
CA LEU A 174 -0.60 -7.03 -19.57
C LEU A 174 0.47 -5.98 -19.30
N LEU A 175 0.64 -5.04 -20.23
CA LEU A 175 1.63 -3.98 -20.06
C LEU A 175 1.28 -3.09 -18.88
N ASP A 176 0.00 -2.78 -18.71
CA ASP A 176 -0.43 -1.99 -17.54
C ASP A 176 -0.07 -2.70 -16.25
N LEU A 177 -0.26 -4.02 -16.20
CA LEU A 177 0.11 -4.78 -15.00
C LEU A 177 1.61 -4.74 -14.77
N LEU A 178 2.39 -4.86 -15.85
CA LEU A 178 3.84 -4.74 -15.73
C LEU A 178 4.23 -3.36 -15.23
N SER A 179 3.53 -2.31 -15.69
CA SER A 179 3.85 -0.95 -15.25
C SER A 179 3.56 -0.78 -13.76
N PHE A 180 2.40 -1.25 -13.31
CA PHE A 180 2.09 -1.23 -11.88
C PHE A 180 3.18 -1.93 -11.08
N THR A 181 3.61 -3.10 -11.58
CA THR A 181 4.66 -3.87 -10.93
C THR A 181 5.94 -3.06 -10.81
N TYR A 182 6.34 -2.43 -11.91
CA TYR A 182 7.56 -1.61 -11.91
C TYR A 182 7.43 -0.42 -10.95
N GLN A 183 6.29 0.27 -11.00
CA GLN A 183 6.11 1.48 -10.21
C GLN A 183 6.13 1.17 -8.71
N VAL A 184 5.44 0.11 -8.31
CA VAL A 184 5.46 -0.29 -6.90
C VAL A 184 6.88 -0.51 -6.43
N ALA A 185 7.67 -1.23 -7.24
CA ALA A 185 9.06 -1.49 -6.89
C ALA A 185 9.86 -0.21 -6.75
N ARG A 186 9.61 0.76 -7.63
CA ARG A 186 10.27 2.06 -7.51
C ARG A 186 9.83 2.78 -6.24
N GLY A 187 8.54 2.68 -5.91
CA GLY A 187 8.08 3.29 -4.67
C GLY A 187 8.67 2.62 -3.44
N MET A 188 8.69 1.28 -3.43
CA MET A 188 9.27 0.56 -2.30
C MET A 188 10.76 0.82 -2.19
N GLU A 189 11.43 0.94 -3.33
CA GLU A 189 12.83 1.33 -3.33
C GLU A 189 13.02 2.67 -2.64
N PHE A 190 12.16 3.65 -2.94
CA PHE A 190 12.23 4.93 -2.27
C PHE A 190 12.07 4.78 -0.76
N LEU A 191 11.03 4.05 -0.33
CA LEU A 191 10.78 3.90 1.09
C LEU A 191 11.94 3.22 1.80
N ALA A 192 12.50 2.19 1.18
CA ALA A 192 13.65 1.51 1.76
C ALA A 192 14.84 2.46 1.92
N SER A 193 15.07 3.32 0.91
CA SER A 193 16.15 4.30 0.99
C SER A 193 15.97 5.26 2.16
N LYS A 194 14.74 5.46 2.63
CA LYS A 194 14.46 6.28 3.79
C LYS A 194 14.39 5.47 5.08
N ASN A 195 14.77 4.19 5.03
CA ASN A 195 14.71 3.28 6.18
C ASN A 195 13.28 3.18 6.72
N CYS A 196 12.31 3.21 5.82
CA CYS A 196 10.91 2.95 6.14
C CYS A 196 10.55 1.53 5.72
N VAL A 197 10.17 0.70 6.69
CA VAL A 197 9.62 -0.62 6.41
C VAL A 197 8.10 -0.49 6.39
N HIS A 198 7.48 -0.96 5.31
CA HIS A 198 6.05 -0.71 5.14
C HIS A 198 5.21 -1.54 6.09
N ARG A 199 5.48 -2.85 6.15
CA ARG A 199 4.89 -3.86 7.03
C ARG A 199 3.47 -4.25 6.61
N ASP A 200 2.84 -3.56 5.65
CA ASP A 200 1.51 -3.92 5.18
C ASP A 200 1.40 -3.68 3.68
N LEU A 201 2.46 -4.00 2.94
CA LEU A 201 2.39 -3.88 1.49
C LEU A 201 1.42 -4.91 0.93
N ALA A 202 0.49 -4.44 0.11
CA ALA A 202 -0.61 -5.22 -0.43
C ALA A 202 -1.29 -4.32 -1.46
N ALA A 203 -2.04 -4.94 -2.37
CA ALA A 203 -2.73 -4.17 -3.39
C ALA A 203 -3.74 -3.20 -2.79
N ARG A 204 -4.32 -3.57 -1.65
CA ARG A 204 -5.25 -2.68 -0.95
C ARG A 204 -4.57 -1.43 -0.43
N ASN A 205 -3.25 -1.42 -0.32
CA ASN A 205 -2.49 -0.25 0.12
C ASN A 205 -1.70 0.36 -1.02
N VAL A 206 -2.19 0.20 -2.25
CA VAL A 206 -1.67 0.86 -3.43
C VAL A 206 -2.81 1.62 -4.07
N LEU A 207 -2.65 2.92 -4.20
CA LEU A 207 -3.62 3.75 -4.90
C LEU A 207 -3.17 3.99 -6.33
N LEU A 208 -4.14 4.35 -7.18
CA LEU A 208 -3.86 4.61 -8.58
C LEU A 208 -4.36 6.01 -8.92
N ALA A 209 -3.45 6.88 -9.32
CA ALA A 209 -3.78 8.22 -9.77
C ALA A 209 -3.95 8.22 -11.29
N GLN A 210 -4.45 9.33 -11.81
CA GLN A 210 -4.65 9.45 -13.23
C GLN A 210 -3.31 9.40 -13.97
N GLY A 211 -3.39 9.07 -15.25
CA GLY A 211 -2.21 8.62 -15.95
C GLY A 211 -1.74 7.26 -15.50
N LYS A 212 -2.56 6.55 -14.71
CA LYS A 212 -2.25 5.20 -14.22
C LYS A 212 -0.94 5.17 -13.46
N ILE A 213 -0.82 6.07 -12.48
CA ILE A 213 0.39 6.21 -11.69
C ILE A 213 0.15 5.60 -10.32
N VAL A 214 0.98 4.62 -9.97
CA VAL A 214 0.87 3.94 -8.69
C VAL A 214 1.28 4.88 -7.56
N LYS A 215 0.52 4.85 -6.46
CA LYS A 215 0.85 5.60 -5.25
C LYS A 215 0.71 4.63 -4.06
N ILE A 216 1.85 4.20 -3.52
CA ILE A 216 1.83 3.36 -2.32
C ILE A 216 1.30 4.19 -1.15
N CYS A 217 0.48 3.56 -0.32
CA CYS A 217 -0.10 4.21 0.84
C CYS A 217 -0.18 3.22 1.99
N ASP A 218 -0.65 3.73 3.13
CA ASP A 218 -1.00 2.91 4.29
C ASP A 218 -2.19 3.56 4.95
N PHE A 219 -3.35 2.89 4.88
CA PHE A 219 -4.54 3.42 5.51
C PHE A 219 -4.45 3.40 7.03
N GLY A 220 -3.80 2.38 7.59
CA GLY A 220 -3.58 2.33 9.03
C GLY A 220 -4.88 2.35 9.81
N LEU A 221 -5.04 3.37 10.64
CA LEU A 221 -6.23 3.50 11.47
C LEU A 221 -7.51 3.62 10.65
N ALA A 222 -7.39 3.98 9.38
CA ALA A 222 -8.55 4.17 8.51
C ALA A 222 -8.96 2.88 7.80
N ARG A 223 -8.46 1.74 8.25
CA ARG A 223 -8.97 0.44 7.83
C ARG A 223 -9.43 -0.32 9.06
N ASP A 224 -10.57 -0.99 8.94
CA ASP A 224 -11.12 -1.79 10.06
C ASP A 224 -10.55 -3.20 9.97
N ILE A 225 -9.32 -3.33 10.50
CA ILE A 225 -8.62 -4.62 10.44
C ILE A 225 -9.27 -5.68 11.32
N MET A 226 -10.21 -5.29 12.19
CA MET A 226 -10.91 -6.25 13.03
C MET A 226 -12.04 -6.97 12.29
N HIS A 227 -12.56 -6.37 11.22
CA HIS A 227 -13.64 -6.97 10.43
C HIS A 227 -13.24 -7.13 8.98
N ASP A 228 -11.95 -7.25 8.71
CA ASP A 228 -11.42 -7.47 7.36
C ASP A 228 -10.80 -8.86 7.34
N SER A 229 -11.29 -9.72 6.44
CA SER A 229 -10.81 -11.09 6.37
C SER A 229 -9.33 -11.18 6.02
N ASN A 230 -8.76 -10.14 5.41
CA ASN A 230 -7.34 -10.15 5.09
C ASN A 230 -6.46 -9.98 6.31
N TYR A 231 -7.03 -9.61 7.46
CA TYR A 231 -6.29 -9.44 8.71
C TYR A 231 -6.76 -10.50 9.69
N VAL A 232 -5.84 -11.34 10.14
CA VAL A 232 -6.14 -12.49 10.99
C VAL A 232 -5.76 -12.15 12.42
N SER A 233 -6.64 -12.49 13.36
CA SER A 233 -6.33 -12.30 14.77
C SER A 233 -5.11 -13.14 15.14
N LYS A 234 -4.13 -12.49 15.79
CA LYS A 234 -2.98 -13.20 16.33
C LYS A 234 -2.46 -12.37 17.50
N GLY A 235 -2.56 -12.94 18.70
CA GLY A 235 -2.17 -12.23 19.89
C GLY A 235 -3.09 -11.08 20.22
N SER A 236 -2.54 -9.86 20.29
CA SER A 236 -3.28 -8.69 20.71
C SER A 236 -3.93 -7.94 19.55
N THR A 237 -3.56 -8.22 18.31
CA THR A 237 -4.04 -7.43 17.17
C THR A 237 -4.26 -8.34 15.98
N PHE A 238 -4.67 -7.73 14.87
CA PHE A 238 -4.98 -8.42 13.64
C PHE A 238 -3.88 -8.14 12.61
N LEU A 239 -3.50 -9.17 11.86
CA LEU A 239 -2.31 -9.08 11.03
C LEU A 239 -2.59 -9.59 9.62
N PRO A 240 -1.97 -8.96 8.61
CA PRO A 240 -2.12 -9.42 7.21
C PRO A 240 -1.25 -10.65 6.95
N VAL A 241 -1.67 -11.79 7.52
CA VAL A 241 -0.81 -12.96 7.59
C VAL A 241 -0.45 -13.47 6.19
N LYS A 242 -1.44 -13.56 5.30
CA LYS A 242 -1.19 -14.08 3.96
C LYS A 242 -0.21 -13.23 3.16
N TRP A 243 0.06 -12.00 3.59
CA TRP A 243 1.04 -11.14 2.96
C TRP A 243 2.39 -11.13 3.66
N MET A 244 2.50 -11.81 4.80
CA MET A 244 3.66 -11.69 5.67
C MET A 244 4.70 -12.75 5.37
N ALA A 245 5.97 -12.38 5.54
CA ALA A 245 7.08 -13.30 5.46
C ALA A 245 7.13 -14.19 6.69
N PRO A 246 7.64 -15.42 6.56
CA PRO A 246 7.66 -16.33 7.72
C PRO A 246 8.38 -15.74 8.92
N GLU A 247 9.52 -15.08 8.72
CA GLU A 247 10.23 -14.47 9.84
C GLU A 247 9.41 -13.39 10.52
N SER A 248 8.47 -12.77 9.79
CA SER A 248 7.57 -11.81 10.41
C SER A 248 6.50 -12.50 11.24
N ILE A 249 5.88 -13.55 10.69
CA ILE A 249 4.82 -14.27 11.40
C ILE A 249 5.39 -14.93 12.65
N PHE A 250 6.35 -15.81 12.47
CA PHE A 250 6.79 -16.70 13.54
C PHE A 250 7.90 -16.12 14.41
N ASP A 251 8.76 -15.26 13.85
CA ASP A 251 9.88 -14.71 14.61
C ASP A 251 9.82 -13.20 14.76
N ASN A 252 8.76 -12.55 14.31
CA ASN A 252 8.49 -11.13 14.59
C ASN A 252 9.59 -10.22 14.05
N LEU A 253 10.15 -10.58 12.90
CA LEU A 253 11.19 -9.80 12.25
C LEU A 253 10.59 -9.07 11.06
N TYR A 254 10.70 -7.74 11.05
CA TYR A 254 10.16 -6.88 10.01
C TYR A 254 11.28 -6.07 9.38
N THR A 255 11.61 -6.38 8.13
CA THR A 255 12.65 -5.66 7.39
C THR A 255 12.14 -5.31 6.00
N THR A 256 12.94 -4.52 5.28
CA THR A 256 12.70 -4.33 3.85
C THR A 256 12.61 -5.68 3.15
N LEU A 257 13.39 -6.66 3.60
CA LEU A 257 13.33 -7.99 2.98
C LEU A 257 12.01 -8.68 3.25
N SER A 258 11.36 -8.40 4.38
CA SER A 258 10.00 -8.91 4.57
C SER A 258 9.01 -8.15 3.70
N ASP A 259 9.26 -6.85 3.46
CA ASP A 259 8.47 -6.11 2.47
C ASP A 259 8.59 -6.75 1.09
N VAL A 260 9.78 -7.26 0.76
CA VAL A 260 9.98 -7.88 -0.55
C VAL A 260 9.12 -9.13 -0.68
N TRP A 261 8.99 -9.90 0.41
CA TRP A 261 8.05 -11.01 0.40
C TRP A 261 6.64 -10.53 0.10
N SER A 262 6.20 -9.48 0.81
CA SER A 262 4.87 -8.93 0.60
C SER A 262 4.70 -8.43 -0.83
N TYR A 263 5.77 -7.86 -1.41
CA TYR A 263 5.72 -7.42 -2.80
C TYR A 263 5.44 -8.59 -3.73
N GLY A 264 6.04 -9.75 -3.46
CA GLY A 264 5.74 -10.94 -4.24
C GLY A 264 4.28 -11.33 -4.14
N ILE A 265 3.72 -11.26 -2.93
CA ILE A 265 2.28 -11.52 -2.76
C ILE A 265 1.47 -10.47 -3.51
N LEU A 266 1.92 -9.21 -3.47
CA LEU A 266 1.24 -8.16 -4.22
C LEU A 266 1.29 -8.45 -5.72
N LEU A 267 2.41 -8.94 -6.23
CA LEU A 267 2.47 -9.30 -7.64
C LEU A 267 1.46 -10.37 -7.98
N TRP A 268 1.29 -11.35 -7.09
CA TRP A 268 0.27 -12.37 -7.30
C TRP A 268 -1.13 -11.77 -7.35
N GLU A 269 -1.38 -10.79 -6.48
CA GLU A 269 -2.64 -10.05 -6.54
C GLU A 269 -2.84 -9.39 -7.89
N ILE A 270 -1.80 -8.75 -8.42
CA ILE A 270 -1.93 -8.01 -9.67
C ILE A 270 -2.23 -8.95 -10.83
N PHE A 271 -1.44 -10.00 -10.98
CA PHE A 271 -1.53 -10.87 -12.14
C PHE A 271 -2.59 -11.95 -12.00
N SER A 272 -3.27 -12.02 -10.86
CA SER A 272 -4.55 -12.70 -10.76
C SER A 272 -5.72 -11.74 -10.89
N LEU A 273 -5.45 -10.46 -11.16
CA LEU A 273 -6.46 -9.42 -11.31
C LEU A 273 -7.29 -9.27 -10.03
N GLY A 274 -6.59 -9.22 -8.91
CA GLY A 274 -7.24 -8.98 -7.64
C GLY A 274 -7.72 -10.22 -6.91
N GLY A 275 -7.06 -11.35 -7.10
CA GLY A 275 -7.44 -12.54 -6.35
C GLY A 275 -6.98 -12.48 -4.92
N THR A 276 -7.68 -13.22 -4.06
CA THR A 276 -7.23 -13.37 -2.69
C THR A 276 -6.09 -14.38 -2.63
N PRO A 277 -4.95 -14.03 -2.05
CA PRO A 277 -3.85 -14.98 -1.94
C PRO A 277 -4.28 -16.26 -1.23
N TYR A 278 -3.60 -17.35 -1.54
CA TYR A 278 -3.87 -18.69 -1.03
C TYR A 278 -5.40 -18.94 -1.03
N PRO A 279 -6.05 -18.83 -2.18
CA PRO A 279 -7.52 -18.86 -2.19
C PRO A 279 -8.07 -20.16 -1.64
N GLY A 280 -9.15 -20.05 -0.87
CA GLY A 280 -9.76 -21.18 -0.21
C GLY A 280 -9.11 -21.58 1.10
N MET A 281 -7.87 -21.19 1.32
CA MET A 281 -7.12 -21.61 2.51
C MET A 281 -7.41 -20.66 3.66
N MET A 282 -7.96 -21.19 4.74
CA MET A 282 -8.03 -20.46 5.99
C MET A 282 -6.64 -20.33 6.60
N VAL A 283 -6.41 -19.23 7.29
CA VAL A 283 -5.18 -19.07 8.07
C VAL A 283 -5.38 -19.86 9.37
N ASP A 284 -4.76 -21.03 9.44
CA ASP A 284 -4.79 -21.86 10.65
C ASP A 284 -3.42 -22.51 10.79
N SER A 285 -3.31 -23.44 11.74
CA SER A 285 -2.05 -24.14 11.92
C SER A 285 -1.66 -24.93 10.68
N THR A 286 -2.63 -25.43 9.92
CA THR A 286 -2.33 -26.09 8.65
C THR A 286 -1.70 -25.12 7.67
N PHE A 287 -2.21 -23.89 7.61
CA PHE A 287 -1.60 -22.88 6.74
C PHE A 287 -0.20 -22.53 7.20
N TYR A 288 -0.02 -22.29 8.50
CA TYR A 288 1.28 -21.90 9.01
C TYR A 288 2.33 -22.97 8.72
N ASN A 289 1.97 -24.25 8.86
CA ASN A 289 2.94 -25.31 8.66
C ASN A 289 3.32 -25.46 7.19
N LYS A 290 2.36 -25.23 6.29
CA LYS A 290 2.66 -25.29 4.85
C LYS A 290 3.69 -24.24 4.46
N ILE A 291 3.52 -23.01 4.96
CA ILE A 291 4.45 -21.93 4.65
C ILE A 291 5.85 -22.29 5.13
N LYS A 292 5.97 -22.74 6.38
CA LYS A 292 7.29 -23.15 6.89
C LYS A 292 7.88 -24.30 6.07
N SER A 293 7.03 -25.16 5.51
CA SER A 293 7.50 -26.32 4.74
C SER A 293 7.77 -25.99 3.29
N GLY A 294 7.69 -24.72 2.89
CA GLY A 294 8.03 -24.31 1.55
C GLY A 294 6.87 -24.22 0.58
N TYR A 295 5.63 -24.27 1.05
CA TYR A 295 4.50 -24.15 0.14
C TYR A 295 4.45 -22.73 -0.42
N ARG A 296 4.23 -22.63 -1.73
CA ARG A 296 4.06 -21.34 -2.39
C ARG A 296 2.92 -21.43 -3.39
N MET A 297 2.30 -20.29 -3.65
CA MET A 297 1.17 -20.22 -4.57
C MET A 297 1.60 -20.59 -5.99
N ALA A 298 0.67 -21.18 -6.73
CA ALA A 298 0.91 -21.46 -8.14
C ALA A 298 0.82 -20.16 -8.95
N LYS A 299 1.16 -20.25 -10.22
CA LYS A 299 1.21 -19.08 -11.08
C LYS A 299 -0.19 -18.54 -11.35
N PRO A 300 -0.43 -17.25 -11.17
CA PRO A 300 -1.72 -16.68 -11.54
C PRO A 300 -1.95 -16.79 -13.04
N ASP A 301 -3.22 -16.71 -13.43
CA ASP A 301 -3.61 -16.93 -14.82
C ASP A 301 -2.85 -16.00 -15.78
N HIS A 302 -2.74 -14.71 -15.42
CA HIS A 302 -2.22 -13.70 -16.32
C HIS A 302 -0.77 -13.35 -16.04
N ALA A 303 -0.06 -14.20 -15.30
CA ALA A 303 1.38 -14.04 -15.13
C ALA A 303 2.10 -14.78 -16.25
N THR A 304 3.15 -14.13 -16.77
CA THR A 304 4.10 -14.84 -17.62
C THR A 304 5.05 -15.65 -16.75
N SER A 305 5.83 -16.52 -17.38
CA SER A 305 6.83 -17.28 -16.64
C SER A 305 7.83 -16.34 -15.99
N GLU A 306 8.25 -15.30 -16.72
CA GLU A 306 9.20 -14.33 -16.17
C GLU A 306 8.64 -13.66 -14.91
N VAL A 307 7.36 -13.30 -14.93
CA VAL A 307 6.76 -12.64 -13.78
C VAL A 307 6.60 -13.61 -12.62
N TYR A 308 6.30 -14.87 -12.92
CA TYR A 308 6.19 -15.85 -11.84
C TYR A 308 7.54 -16.09 -11.18
N GLU A 309 8.60 -16.21 -12.00
CA GLU A 309 9.94 -16.36 -11.45
C GLU A 309 10.28 -15.25 -10.48
N ILE A 310 9.87 -14.03 -10.81
CA ILE A 310 10.12 -12.89 -9.92
C ILE A 310 9.42 -13.11 -8.57
N MET A 311 8.16 -13.56 -8.60
CA MET A 311 7.44 -13.82 -7.36
C MET A 311 8.15 -14.87 -6.51
N VAL A 312 8.55 -15.97 -7.14
CA VAL A 312 9.19 -17.07 -6.40
C VAL A 312 10.47 -16.60 -5.74
N LYS A 313 11.25 -15.78 -6.45
CA LYS A 313 12.44 -15.19 -5.84
C LYS A 313 12.08 -14.38 -4.59
N CYS A 314 10.97 -13.65 -4.64
CA CYS A 314 10.56 -12.85 -3.49
C CYS A 314 10.16 -13.73 -2.31
N TRP A 315 9.77 -14.97 -2.57
CA TRP A 315 9.28 -15.88 -1.53
C TRP A 315 10.36 -16.85 -1.05
N ASN A 316 11.63 -16.49 -1.16
CA ASN A 316 12.69 -17.34 -0.64
C ASN A 316 12.57 -17.38 0.88
N SER A 317 12.64 -18.60 1.44
CA SER A 317 12.52 -18.75 2.89
C SER A 317 13.64 -18.01 3.61
N GLU A 318 14.80 -17.86 2.97
CA GLU A 318 15.90 -17.11 3.54
C GLU A 318 15.82 -15.66 3.08
N PRO A 319 15.63 -14.71 3.99
CA PRO A 319 15.41 -13.31 3.57
C PRO A 319 16.55 -12.72 2.76
N GLU A 320 17.80 -13.04 3.10
CA GLU A 320 18.94 -12.44 2.42
C GLU A 320 19.02 -12.84 0.95
N LYS A 321 18.27 -13.84 0.51
CA LYS A 321 18.28 -14.26 -0.89
C LYS A 321 17.18 -13.63 -1.72
N ARG A 322 16.30 -12.84 -1.11
CA ARG A 322 15.29 -12.12 -1.88
C ARG A 322 15.92 -10.90 -2.55
N PRO A 323 15.44 -10.54 -3.74
CA PRO A 323 16.05 -9.43 -4.46
C PRO A 323 15.68 -8.08 -3.84
N SER A 324 16.57 -7.12 -4.04
CA SER A 324 16.31 -5.76 -3.58
C SER A 324 15.19 -5.14 -4.40
N PHE A 325 14.56 -4.12 -3.83
CA PHE A 325 13.53 -3.40 -4.58
C PHE A 325 14.13 -2.69 -5.79
N TYR A 326 15.39 -2.29 -5.70
CA TYR A 326 16.07 -1.68 -6.85
C TYR A 326 16.28 -2.70 -7.96
N HIS A 327 16.87 -3.85 -7.62
CA HIS A 327 17.05 -4.91 -8.60
CA HIS A 327 17.05 -4.91 -8.60
C HIS A 327 15.72 -5.36 -9.19
N LEU A 328 14.67 -5.40 -8.37
CA LEU A 328 13.36 -5.75 -8.88
C LEU A 328 12.90 -4.77 -9.94
N SER A 329 13.17 -3.48 -9.74
CA SER A 329 12.81 -2.46 -10.73
C SER A 329 13.50 -2.73 -12.06
N GLU A 330 14.81 -3.03 -12.03
CA GLU A 330 15.54 -3.31 -13.26
C GLU A 330 14.96 -4.52 -13.99
N ILE A 331 14.69 -5.60 -13.24
CA ILE A 331 14.21 -6.83 -13.85
C ILE A 331 12.87 -6.60 -14.55
N VAL A 332 11.94 -5.93 -13.86
CA VAL A 332 10.64 -5.65 -14.45
C VAL A 332 10.79 -4.70 -15.63
N GLU A 333 11.77 -3.80 -15.59
CA GLU A 333 11.99 -2.87 -16.69
C GLU A 333 12.33 -3.60 -17.98
N ASN A 334 13.16 -4.65 -17.88
CA ASN A 334 13.54 -5.41 -19.07
C ASN A 334 12.38 -6.22 -19.63
N LEU A 335 11.34 -6.47 -18.85
CA LEU A 335 10.14 -7.11 -19.37
C LEU A 335 9.24 -6.14 -20.12
N LEU A 336 9.41 -4.85 -19.90
CA LEU A 336 8.58 -3.86 -20.58
C LEU A 336 9.14 -3.54 -21.96
N PRO A 337 8.26 -3.22 -22.92
CA PRO A 337 8.75 -2.83 -24.24
C PRO A 337 9.41 -1.47 -24.21
N GLY A 338 10.33 -1.26 -25.15
CA GLY A 338 11.08 -0.02 -25.23
C GLY A 338 12.05 0.17 -24.08
N GLN A 339 13.05 1.02 -24.30
CA GLN A 339 14.05 1.31 -23.28
C GLN A 339 14.31 2.81 -23.27
N TYR A 340 14.42 3.37 -22.07
CA TYR A 340 14.61 4.81 -21.95
C TYR A 340 16.07 5.19 -22.21
C10 A1IRC B . -6.27 9.56 -1.96
C15 A1IRC B . -9.70 6.56 -2.44
C20 A1IRC B . 0.89 6.65 5.29
C21 A1IRC B . 1.74 6.29 4.26
C22 A1IRC B . 2.81 5.44 4.49
C24 A1IRC B . 2.18 5.32 6.81
C28 A1IRC B . 6.47 3.47 6.89
C01 A1IRC B . -4.51 10.05 3.58
C02 A1IRC B . -4.25 9.09 2.64
C03 A1IRC B . -3.17 8.25 2.76
C04 A1IRC B . -2.34 8.38 3.87
C05 A1IRC B . -2.59 9.33 4.84
C06 A1IRC B . -3.69 10.18 4.70
C07 A1IRC B . -5.15 8.93 1.41
C08 A1IRC B . -5.81 8.79 0.43
C09 A1IRC B . -6.56 8.73 -0.89
C12 A1IRC B . -7.93 8.25 -2.47
C14 A1IRC B . -9.00 7.58 -3.15
C16 A1IRC B . -9.29 6.29 -1.12
C18 A1IRC B . -1.17 7.41 3.97
C23 A1IRC B . 3.03 4.95 5.77
C25 A1IRC B . 1.11 6.17 6.57
C27 A1IRC B . 5.41 4.54 6.54
C29 A1IRC B . 7.90 4.00 6.92
C31 A1IRC B . 3.73 5.04 3.34
C35 A1IRC B . -5.72 10.96 3.40
F32 A1IRC B . 3.72 3.69 3.19
F33 A1IRC B . 5.00 5.46 3.61
F34 A1IRC B . 3.31 5.62 2.18
N11 A1IRC B . -7.12 9.24 -2.92
N13 A1IRC B . -7.61 7.93 -1.26
N17 A1IRC B . -8.29 6.96 -0.57
N19 A1IRC B . -0.24 7.55 5.09
N26 A1IRC B . 4.11 4.06 6.11
O30 A1IRC B . 5.66 5.69 6.60
O36 A1IRC B . -1.04 6.58 3.15
#